data_4REM
#
_entry.id   4REM
#
_cell.length_a   50.021
_cell.length_b   55.121
_cell.length_c   85.958
_cell.angle_alpha   90.00
_cell.angle_beta   104.57
_cell.angle_gamma   90.00
#
_symmetry.space_group_name_H-M   'P 1 21 1'
#
loop_
_entity.id
_entity.type
_entity.pdbx_description
1 polymer 'UDP-glucose:anthocyanidin 3-O-glucosyltransferase'
2 non-polymer 3,5,7-trihydroxy-2-(3,4,5-trihydroxyphenyl)chromenium
3 non-polymer GLYCEROL
4 water water
#
_entity_poly.entity_id   1
_entity_poly.type   'polypeptide(L)'
_entity_poly.pdbx_seq_one_letter_code
;MKNKQHVAIFPFPFGSHLPPLLNLVLKLAHIAPNTSFSFIGTHSSNAFLFTKRHIPNNIRVFTISDGIPEGHVPANNPIE
KLDLFLSTGPDNLRKGIELAVAETKQSVTCIIADAFVTSSLLVAQTLNVPWIAFWPNVSCSLSLYFNIDLIRDKCSKDAK
NATLDFLPGLSKLRVEDVPQDMLDVGEKETLFSRTLNSLGVVLPQAKAVVVNFFAELDPPLFVKYMRSKLQSLLYVVPLP
CPQLLLPEIDSNGCLSWLDSKSSRSVAYVCFGTVVSPPPQEVVAVAEALEESGFPFVWALKESLLSILPKGFVERTSTRG
KVVSWVPQSHVLSHGSVGVFVTHCGANSVMESVSNGVPMICRPFFGDQGIAARVIQDIWEVGVIVEGKVFTKNGFVKSLN
LILVQEDGKKIRDNALKVKQIVQDAVGPHGQAAEDFNTLVEVISSS
;
_entity_poly.pdbx_strand_id   A
#
# COMPACT_ATOMS: atom_id res chain seq x y z
N MET A 1 -14.68 -20.04 -32.33
CA MET A 1 -13.44 -19.26 -32.33
C MET A 1 -12.71 -19.43 -31.01
N LYS A 2 -11.43 -19.79 -31.10
CA LYS A 2 -10.60 -20.01 -29.91
C LYS A 2 -10.28 -18.71 -29.20
N ASN A 3 -10.50 -18.68 -27.89
CA ASN A 3 -10.09 -17.54 -27.08
C ASN A 3 -8.57 -17.49 -26.98
N LYS A 4 -7.97 -16.41 -27.45
CA LYS A 4 -6.52 -16.26 -27.44
C LYS A 4 -6.05 -15.09 -26.59
N GLN A 5 -6.93 -14.61 -25.71
CA GLN A 5 -6.58 -13.52 -24.81
C GLN A 5 -5.54 -13.98 -23.80
N HIS A 6 -4.44 -13.25 -23.69
CA HIS A 6 -3.35 -13.62 -22.80
C HIS A 6 -2.79 -12.39 -22.10
N VAL A 7 -3.11 -12.26 -20.81
CA VAL A 7 -2.63 -11.14 -20.02
C VAL A 7 -1.35 -11.50 -19.26
N ALA A 8 -0.30 -10.71 -19.47
CA ALA A 8 0.94 -10.89 -18.74
C ALA A 8 0.97 -9.95 -17.54
N ILE A 9 1.28 -10.49 -16.37
CA ILE A 9 1.29 -9.68 -15.15
C ILE A 9 2.68 -9.49 -14.57
N PHE A 10 3.07 -8.23 -14.37
CA PHE A 10 4.38 -7.91 -13.82
C PHE A 10 4.26 -7.16 -12.49
N PRO A 11 4.36 -7.90 -11.37
CA PRO A 11 4.32 -7.24 -10.06
C PRO A 11 5.64 -6.58 -9.73
N PHE A 12 5.61 -5.58 -8.86
CA PHE A 12 6.81 -5.12 -8.19
C PHE A 12 7.08 -6.18 -7.14
N PRO A 13 8.09 -7.04 -7.40
CA PRO A 13 8.26 -8.31 -6.69
C PRO A 13 8.72 -8.15 -5.24
N PHE A 14 8.00 -7.35 -4.45
CA PHE A 14 8.39 -7.11 -3.07
C PHE A 14 7.20 -6.93 -2.14
N GLY A 15 7.21 -7.67 -1.04
CA GLY A 15 6.27 -7.51 0.07
C GLY A 15 4.86 -7.04 -0.22
N SER A 16 4.55 -5.81 0.20
CA SER A 16 3.19 -5.29 0.17
C SER A 16 2.64 -4.99 -1.22
N HIS A 17 3.50 -5.08 -2.24
CA HIS A 17 3.07 -4.85 -3.61
C HIS A 17 2.48 -6.12 -4.24
N LEU A 18 2.82 -7.26 -3.65
CA LEU A 18 2.45 -8.56 -4.22
C LEU A 18 0.99 -8.99 -3.99
N PRO A 19 0.50 -8.97 -2.73
CA PRO A 19 -0.91 -9.36 -2.54
C PRO A 19 -1.97 -8.53 -3.30
N PRO A 20 -1.85 -7.18 -3.35
CA PRO A 20 -2.95 -6.45 -4.01
C PRO A 20 -3.06 -6.73 -5.50
N LEU A 21 -1.94 -7.06 -6.14
CA LEU A 21 -1.96 -7.37 -7.58
C LEU A 21 -2.48 -8.80 -7.83
N LEU A 22 -2.15 -9.72 -6.93
CA LEU A 22 -2.69 -11.07 -7.03
C LEU A 22 -4.19 -11.04 -6.80
N ASN A 23 -4.63 -10.20 -5.87
CA ASN A 23 -6.05 -10.02 -5.58
C ASN A 23 -6.82 -9.56 -6.81
N LEU A 24 -6.21 -8.68 -7.60
CA LEU A 24 -6.83 -8.17 -8.81
C LEU A 24 -6.89 -9.23 -9.91
N VAL A 25 -5.79 -9.96 -10.11
CA VAL A 25 -5.72 -10.99 -11.13
C VAL A 25 -6.71 -12.12 -10.85
N LEU A 26 -6.85 -12.47 -9.58
CA LEU A 26 -7.81 -13.51 -9.17
C LEU A 26 -9.24 -13.14 -9.57
N LYS A 27 -9.61 -11.89 -9.33
CA LYS A 27 -10.94 -11.40 -9.70
C LYS A 27 -11.13 -11.43 -11.20
N LEU A 28 -10.12 -10.97 -11.92
CA LEU A 28 -10.14 -10.98 -13.38
C LEU A 28 -10.20 -12.41 -13.94
N ALA A 29 -9.50 -13.33 -13.29
CA ALA A 29 -9.46 -14.72 -13.72
C ALA A 29 -10.79 -15.44 -13.46
N HIS A 30 -11.44 -15.08 -12.36
CA HIS A 30 -12.75 -15.65 -12.02
C HIS A 30 -13.81 -15.26 -13.04
N ILE A 31 -13.77 -14.01 -13.49
CA ILE A 31 -14.78 -13.48 -14.40
C ILE A 31 -14.40 -13.72 -15.86
N ALA A 32 -13.14 -14.06 -16.10
CA ALA A 32 -12.67 -14.45 -17.43
C ALA A 32 -11.82 -15.72 -17.37
N PRO A 33 -12.44 -16.86 -17.07
CA PRO A 33 -11.72 -18.13 -16.92
C PRO A 33 -11.29 -18.70 -18.27
N ASN A 34 -11.73 -18.05 -19.35
CA ASN A 34 -11.36 -18.42 -20.70
C ASN A 34 -10.07 -17.72 -21.13
N THR A 35 -9.67 -16.73 -20.33
CA THR A 35 -8.48 -15.93 -20.61
C THR A 35 -7.30 -16.46 -19.79
N SER A 36 -6.12 -16.44 -20.37
CA SER A 36 -4.92 -16.86 -19.65
C SER A 36 -4.24 -15.69 -18.95
N PHE A 37 -3.88 -15.91 -17.68
CA PHE A 37 -3.19 -14.88 -16.91
C PHE A 37 -1.80 -15.37 -16.51
N SER A 38 -0.77 -14.70 -17.00
CA SER A 38 0.60 -15.10 -16.71
C SER A 38 1.23 -14.18 -15.67
N PHE A 39 1.29 -14.66 -14.43
CA PHE A 39 1.88 -13.90 -13.34
C PHE A 39 3.39 -14.13 -13.34
N ILE A 40 4.15 -13.07 -13.61
CA ILE A 40 5.59 -13.19 -13.78
C ILE A 40 6.36 -12.53 -12.64
N GLY A 41 6.79 -13.34 -11.68
CA GLY A 41 7.54 -12.84 -10.54
C GLY A 41 8.96 -13.37 -10.43
N THR A 42 9.62 -13.05 -9.32
CA THR A 42 10.95 -13.58 -9.04
C THR A 42 10.78 -14.83 -8.19
N HIS A 43 11.87 -15.54 -7.93
CA HIS A 43 11.78 -16.76 -7.13
C HIS A 43 11.31 -16.47 -5.71
N SER A 44 11.77 -15.36 -5.14
CA SER A 44 11.39 -15.00 -3.78
C SER A 44 10.00 -14.39 -3.68
N SER A 45 9.57 -13.70 -4.74
CA SER A 45 8.23 -13.12 -4.76
C SER A 45 7.17 -14.19 -5.01
N ASN A 46 7.50 -15.16 -5.87
CA ASN A 46 6.60 -16.28 -6.13
C ASN A 46 6.46 -17.18 -4.91
N ALA A 47 7.55 -17.42 -4.20
CA ALA A 47 7.51 -18.20 -2.97
C ALA A 47 6.64 -17.50 -1.94
N PHE A 48 6.71 -16.17 -1.90
CA PHE A 48 5.93 -15.37 -0.97
C PHE A 48 4.43 -15.52 -1.20
N LEU A 49 4.02 -15.52 -2.46
CA LEU A 49 2.59 -15.54 -2.80
C LEU A 49 2.00 -16.94 -2.95
N PHE A 50 2.72 -17.84 -3.59
CA PHE A 50 2.15 -19.10 -4.06
C PHE A 50 2.62 -20.38 -3.38
N THR A 51 3.34 -20.28 -2.26
CA THR A 51 3.92 -21.47 -1.62
C THR A 51 2.88 -22.51 -1.22
N LYS A 52 2.01 -22.17 -0.28
CA LYS A 52 0.90 -23.04 0.06
C LYS A 52 -0.42 -22.32 -0.15
N ARG A 53 -0.83 -22.25 -1.41
CA ARG A 53 -2.01 -21.52 -1.81
C ARG A 53 -2.51 -22.05 -3.15
N HIS A 54 -3.79 -22.38 -3.22
CA HIS A 54 -4.41 -22.88 -4.44
C HIS A 54 -4.85 -21.74 -5.36
N ILE A 55 -4.36 -21.75 -6.59
CA ILE A 55 -4.74 -20.73 -7.57
C ILE A 55 -5.53 -21.34 -8.73
N PRO A 56 -6.47 -20.58 -9.30
CA PRO A 56 -7.22 -20.96 -10.49
C PRO A 56 -6.30 -21.42 -11.63
N ASN A 57 -6.80 -22.31 -12.50
CA ASN A 57 -5.97 -22.93 -13.53
C ASN A 57 -5.61 -21.99 -14.68
N ASN A 58 -6.35 -20.91 -14.85
CA ASN A 58 -6.07 -19.95 -15.91
C ASN A 58 -5.04 -18.90 -15.48
N ILE A 59 -4.51 -19.06 -14.27
CA ILE A 59 -3.37 -18.25 -13.82
C ILE A 59 -2.13 -19.14 -13.72
N ARG A 60 -1.10 -18.83 -14.50
CA ARG A 60 0.14 -19.58 -14.45
C ARG A 60 1.28 -18.71 -13.94
N VAL A 61 2.20 -19.31 -13.19
CA VAL A 61 3.28 -18.57 -12.57
C VAL A 61 4.62 -18.85 -13.25
N PHE A 62 5.37 -17.79 -13.54
CA PHE A 62 6.68 -17.94 -14.17
C PHE A 62 7.73 -17.15 -13.40
N THR A 63 8.98 -17.58 -13.49
CA THR A 63 10.05 -17.01 -12.67
C THR A 63 11.10 -16.30 -13.52
N ILE A 64 11.45 -15.07 -13.12
CA ILE A 64 12.55 -14.34 -13.74
C ILE A 64 13.56 -13.93 -12.69
N SER A 65 14.70 -13.38 -13.14
CA SER A 65 15.80 -13.02 -12.26
C SER A 65 15.43 -11.89 -11.30
N ASP A 66 15.99 -11.94 -10.09
CA ASP A 66 15.78 -10.88 -9.10
C ASP A 66 16.87 -9.81 -9.22
N GLY A 67 17.82 -10.05 -10.12
CA GLY A 67 18.92 -9.11 -10.31
C GLY A 67 20.02 -9.28 -9.29
N ILE A 68 19.92 -10.30 -8.46
CA ILE A 68 20.94 -10.59 -7.46
C ILE A 68 21.77 -11.80 -7.89
N PRO A 69 22.98 -11.53 -8.40
CA PRO A 69 23.91 -12.59 -8.84
C PRO A 69 24.28 -13.49 -7.68
N GLU A 70 24.46 -14.78 -7.95
CA GLU A 70 24.81 -15.74 -6.91
C GLU A 70 26.18 -15.39 -6.32
N GLY A 71 26.23 -15.26 -5.00
CA GLY A 71 27.45 -14.87 -4.32
C GLY A 71 27.32 -13.52 -3.65
N HIS A 72 26.49 -12.65 -4.23
CA HIS A 72 26.28 -11.30 -3.71
C HIS A 72 25.43 -11.31 -2.45
N VAL A 73 25.74 -10.41 -1.52
CA VAL A 73 24.94 -10.24 -0.31
C VAL A 73 24.55 -8.76 -0.17
N PRO A 74 23.31 -8.44 -0.53
CA PRO A 74 22.81 -7.06 -0.43
C PRO A 74 22.95 -6.49 0.98
N ALA A 75 23.20 -5.19 1.08
CA ALA A 75 23.31 -4.53 2.39
C ALA A 75 21.96 -4.49 3.09
N ASN A 76 21.94 -4.03 4.33
CA ASN A 76 20.69 -3.94 5.09
C ASN A 76 19.96 -2.62 4.84
N ASN A 77 19.71 -2.32 3.57
CA ASN A 77 18.88 -1.17 3.20
C ASN A 77 17.83 -1.57 2.18
N PRO A 78 16.56 -1.20 2.44
CA PRO A 78 15.40 -1.67 1.67
C PRO A 78 15.36 -1.21 0.21
N ILE A 79 16.38 -0.49 -0.23
CA ILE A 79 16.41 0.05 -1.59
C ILE A 79 17.21 -0.83 -2.56
N GLU A 80 18.28 -1.46 -2.05
CA GLU A 80 19.20 -2.20 -2.89
C GLU A 80 18.55 -3.30 -3.74
N LYS A 81 17.75 -4.15 -3.11
CA LYS A 81 17.07 -5.23 -3.82
C LYS A 81 16.12 -4.68 -4.89
N LEU A 82 15.51 -3.54 -4.61
CA LEU A 82 14.63 -2.88 -5.57
C LEU A 82 15.44 -2.41 -6.78
N ASP A 83 16.58 -1.78 -6.51
CA ASP A 83 17.46 -1.29 -7.56
C ASP A 83 18.00 -2.43 -8.41
N LEU A 84 18.38 -3.52 -7.75
CA LEU A 84 18.93 -4.68 -8.43
C LEU A 84 17.93 -5.33 -9.39
N PHE A 85 16.67 -5.44 -8.96
CA PHE A 85 15.63 -5.97 -9.83
C PHE A 85 15.36 -5.02 -11.00
N LEU A 86 15.26 -3.73 -10.70
CA LEU A 86 14.98 -2.73 -11.73
C LEU A 86 16.12 -2.63 -12.74
N SER A 87 17.32 -3.01 -12.32
CA SER A 87 18.48 -2.95 -13.20
C SER A 87 18.44 -4.04 -14.26
N THR A 88 17.64 -5.07 -14.03
CA THR A 88 17.51 -6.17 -14.97
C THR A 88 16.92 -5.73 -16.31
N GLY A 89 16.17 -4.63 -16.28
CA GLY A 89 15.62 -4.06 -17.50
C GLY A 89 14.54 -4.90 -18.14
N PRO A 90 14.09 -4.48 -19.34
CA PRO A 90 13.01 -5.16 -20.05
C PRO A 90 13.40 -6.55 -20.55
N ASP A 91 14.71 -6.79 -20.75
CA ASP A 91 15.17 -8.08 -21.25
C ASP A 91 14.84 -9.23 -20.30
N ASN A 92 14.99 -9.00 -19.00
CA ASN A 92 14.62 -10.00 -18.01
C ASN A 92 13.11 -10.21 -18.01
N LEU A 93 12.38 -9.13 -18.25
CA LEU A 93 10.92 -9.18 -18.31
C LEU A 93 10.45 -9.95 -19.54
N ARG A 94 11.17 -9.80 -20.65
CA ARG A 94 10.83 -10.48 -21.89
CA ARG A 94 10.80 -10.49 -21.88
C ARG A 94 11.13 -11.98 -21.81
N LYS A 95 11.94 -12.36 -20.83
CA LYS A 95 12.24 -13.77 -20.61
C LYS A 95 11.05 -14.41 -19.93
N GLY A 96 10.31 -13.61 -19.16
CA GLY A 96 9.07 -14.06 -18.55
C GLY A 96 7.96 -14.18 -19.58
N ILE A 97 7.99 -13.30 -20.57
CA ILE A 97 7.04 -13.36 -21.68
C ILE A 97 7.28 -14.62 -22.51
N GLU A 98 8.55 -14.96 -22.69
CA GLU A 98 8.92 -16.16 -23.42
C GLU A 98 8.36 -17.42 -22.75
N LEU A 99 8.52 -17.50 -21.43
CA LEU A 99 8.04 -18.63 -20.66
C LEU A 99 6.52 -18.70 -20.68
N ALA A 100 5.88 -17.55 -20.74
CA ALA A 100 4.42 -17.47 -20.78
C ALA A 100 3.90 -17.92 -22.15
N VAL A 101 4.51 -17.39 -23.20
CA VAL A 101 4.12 -17.70 -24.57
C VAL A 101 4.36 -19.17 -24.92
N ALA A 102 5.48 -19.70 -24.43
CA ALA A 102 5.83 -21.10 -24.68
C ALA A 102 4.81 -22.04 -24.03
N GLU A 103 4.36 -21.69 -22.84
CA GLU A 103 3.44 -22.53 -22.06
C GLU A 103 2.02 -22.48 -22.60
N THR A 104 1.51 -21.27 -22.82
CA THR A 104 0.12 -21.06 -23.21
C THR A 104 -0.08 -21.21 -24.71
N LYS A 105 1.01 -21.20 -25.46
CA LYS A 105 0.97 -21.17 -26.93
C LYS A 105 0.21 -19.96 -27.44
N GLN A 106 0.18 -18.90 -26.63
CA GLN A 106 -0.56 -17.69 -26.98
C GLN A 106 0.34 -16.48 -26.84
N SER A 107 0.36 -15.63 -27.86
CA SER A 107 1.07 -14.36 -27.76
C SER A 107 0.31 -13.47 -26.78
N VAL A 108 1.05 -12.70 -25.99
CA VAL A 108 0.45 -11.79 -25.02
C VAL A 108 -0.34 -10.69 -25.72
N THR A 109 -1.60 -10.51 -25.32
CA THR A 109 -2.47 -9.50 -25.92
C THR A 109 -2.57 -8.27 -25.03
N CYS A 110 -2.21 -8.44 -23.76
CA CYS A 110 -2.33 -7.37 -22.79
C CYS A 110 -1.34 -7.53 -21.64
N ILE A 111 -0.87 -6.42 -21.09
CA ILE A 111 0.04 -6.44 -19.96
C ILE A 111 -0.51 -5.59 -18.81
N ILE A 112 -0.59 -6.20 -17.62
CA ILE A 112 -0.89 -5.47 -16.40
C ILE A 112 0.37 -5.45 -15.57
N ALA A 113 0.84 -4.26 -15.19
CA ALA A 113 2.07 -4.16 -14.43
C ALA A 113 1.94 -3.15 -13.31
N ASP A 114 2.65 -3.43 -12.21
CA ASP A 114 2.83 -2.44 -11.16
C ASP A 114 3.50 -1.23 -11.79
N ALA A 115 3.04 -0.03 -11.45
CA ALA A 115 3.53 1.19 -12.08
C ALA A 115 5.04 1.38 -11.94
N PHE A 116 5.63 0.73 -10.92
CA PHE A 116 7.06 0.85 -10.67
C PHE A 116 7.90 0.10 -11.70
N VAL A 117 7.34 -0.96 -12.26
CA VAL A 117 8.02 -1.73 -13.30
C VAL A 117 7.89 -1.01 -14.64
N THR A 118 8.57 0.12 -14.77
CA THR A 118 8.45 0.98 -15.95
C THR A 118 9.00 0.33 -17.22
N SER A 119 9.86 -0.67 -17.04
CA SER A 119 10.43 -1.38 -18.19
C SER A 119 9.37 -2.18 -18.94
N SER A 120 8.31 -2.56 -18.24
CA SER A 120 7.25 -3.36 -18.84
C SER A 120 6.46 -2.58 -19.90
N LEU A 121 6.61 -1.26 -19.89
CA LEU A 121 5.97 -0.41 -20.89
C LEU A 121 6.70 -0.52 -22.23
N LEU A 122 8.03 -0.57 -22.17
CA LEU A 122 8.84 -0.79 -23.35
C LEU A 122 8.50 -2.16 -23.94
N VAL A 123 8.28 -3.13 -23.05
CA VAL A 123 7.88 -4.47 -23.43
C VAL A 123 6.53 -4.46 -24.14
N ALA A 124 5.59 -3.68 -23.61
CA ALA A 124 4.26 -3.56 -24.20
C ALA A 124 4.32 -2.90 -25.57
N GLN A 125 5.16 -1.87 -25.68
CA GLN A 125 5.33 -1.15 -26.95
C GLN A 125 6.03 -2.00 -28.01
N THR A 126 6.92 -2.87 -27.57
CA THR A 126 7.62 -3.79 -28.48
C THR A 126 6.64 -4.83 -29.03
N LEU A 127 5.73 -5.31 -28.17
CA LEU A 127 4.73 -6.29 -28.57
C LEU A 127 3.49 -5.63 -29.18
N ASN A 128 3.40 -4.31 -29.06
CA ASN A 128 2.23 -3.54 -29.50
C ASN A 128 0.94 -3.96 -28.79
N VAL A 129 1.01 -4.07 -27.47
CA VAL A 129 -0.16 -4.41 -26.66
C VAL A 129 -0.43 -3.31 -25.64
N PRO A 130 -1.69 -3.17 -25.20
CA PRO A 130 -2.00 -2.13 -24.20
C PRO A 130 -1.25 -2.36 -22.90
N TRP A 131 -0.85 -1.28 -22.25
CA TRP A 131 -0.15 -1.38 -20.98
C TRP A 131 -0.99 -0.79 -19.85
N ILE A 132 -1.30 -1.63 -18.86
CA ILE A 132 -2.14 -1.20 -17.76
C ILE A 132 -1.32 -1.07 -16.47
N ALA A 133 -1.19 0.15 -15.98
CA ALA A 133 -0.44 0.40 -14.76
C ALA A 133 -1.31 0.14 -13.53
N PHE A 134 -0.75 -0.60 -12.57
CA PHE A 134 -1.45 -0.86 -11.31
C PHE A 134 -0.84 -0.03 -10.20
N TRP A 135 -1.69 0.59 -9.38
CA TRP A 135 -1.23 1.52 -8.34
C TRP A 135 -1.74 1.15 -6.95
N PRO A 136 -0.93 0.39 -6.20
CA PRO A 136 -1.28 -0.06 -4.84
C PRO A 136 -0.76 0.90 -3.77
N ASN A 137 -0.22 2.05 -4.18
CA ASN A 137 0.32 3.01 -3.23
C ASN A 137 -0.76 4.00 -2.77
N VAL A 138 -0.36 5.03 -2.04
CA VAL A 138 -1.30 6.10 -1.68
C VAL A 138 -1.79 6.77 -2.96
N SER A 139 -3.10 6.75 -3.17
CA SER A 139 -3.70 7.23 -4.41
C SER A 139 -3.40 8.71 -4.66
N CYS A 140 -3.57 9.53 -3.63
CA CYS A 140 -3.38 10.97 -3.75
C CYS A 140 -1.96 11.37 -4.14
N SER A 141 -1.03 10.43 -4.04
CA SER A 141 0.37 10.70 -4.37
C SER A 141 0.64 10.63 -5.87
N LEU A 142 -0.37 10.21 -6.65
CA LEU A 142 -0.26 10.16 -8.10
C LEU A 142 -0.06 11.55 -8.69
N SER A 143 -0.66 12.55 -8.05
CA SER A 143 -0.60 13.93 -8.51
C SER A 143 0.81 14.51 -8.45
N LEU A 144 1.56 14.10 -7.43
CA LEU A 144 2.91 14.60 -7.19
C LEU A 144 3.83 14.45 -8.41
N TYR A 145 3.75 13.29 -9.06
CA TYR A 145 4.69 12.93 -10.12
C TYR A 145 4.50 13.73 -11.42
N PHE A 146 3.47 14.57 -11.45
CA PHE A 146 3.22 15.44 -12.59
C PHE A 146 3.62 16.88 -12.28
N ASN A 147 4.20 17.08 -11.09
CA ASN A 147 4.59 18.42 -10.66
C ASN A 147 5.92 18.40 -9.91
N ILE A 148 6.83 17.54 -10.35
CA ILE A 148 8.12 17.35 -9.68
C ILE A 148 8.96 18.63 -9.64
N ASP A 149 9.01 19.35 -10.76
CA ASP A 149 9.78 20.59 -10.82
C ASP A 149 9.19 21.67 -9.93
N LEU A 150 7.86 21.80 -9.94
CA LEU A 150 7.17 22.74 -9.06
C LEU A 150 7.41 22.40 -7.59
N ILE A 151 7.39 21.10 -7.30
CA ILE A 151 7.55 20.62 -5.92
C ILE A 151 9.00 20.75 -5.44
N ARG A 152 9.95 20.39 -6.30
CA ARG A 152 11.36 20.54 -5.98
C ARG A 152 11.73 22.00 -5.73
N ASP A 153 11.14 22.90 -6.51
CA ASP A 153 11.41 24.32 -6.36
C ASP A 153 10.83 24.86 -5.05
N LYS A 154 9.61 24.45 -4.73
CA LYS A 154 8.94 24.93 -3.53
C LYS A 154 9.56 24.37 -2.27
N CYS A 155 9.99 23.10 -2.32
CA CYS A 155 10.59 22.45 -1.18
C CYS A 155 11.94 23.06 -0.78
N SER A 156 12.55 23.81 -1.70
CA SER A 156 13.86 24.39 -1.42
C SER A 156 13.78 25.87 -1.06
N LYS A 157 12.74 26.56 -1.53
CA LYS A 157 12.60 27.99 -1.32
C LYS A 157 11.60 28.37 -0.24
N ASP A 158 10.48 27.64 -0.19
CA ASP A 158 9.41 27.96 0.75
C ASP A 158 9.62 27.33 2.13
N ALA A 159 8.67 27.59 3.03
CA ALA A 159 8.69 27.01 4.38
C ALA A 159 8.30 25.54 4.32
N LYS A 160 8.58 24.81 5.39
CA LYS A 160 8.34 23.38 5.43
C LYS A 160 6.85 23.05 5.57
N ASN A 161 6.11 23.96 6.16
CA ASN A 161 4.66 23.81 6.31
C ASN A 161 3.90 24.62 5.25
N ALA A 162 4.57 24.92 4.15
CA ALA A 162 3.95 25.63 3.04
C ALA A 162 3.05 24.69 2.26
N THR A 163 1.86 25.17 1.91
CA THR A 163 0.88 24.34 1.20
C THR A 163 1.20 24.19 -0.28
N LEU A 164 0.80 23.06 -0.85
CA LEU A 164 1.02 22.78 -2.27
C LEU A 164 -0.28 23.04 -3.03
N ASP A 165 -0.70 24.31 -3.07
CA ASP A 165 -1.99 24.68 -3.62
C ASP A 165 -2.08 24.49 -5.14
N PHE A 166 -0.94 24.26 -5.78
CA PHE A 166 -0.90 24.02 -7.21
C PHE A 166 -1.37 22.61 -7.57
N LEU A 167 -1.66 21.82 -6.54
CA LEU A 167 -2.22 20.49 -6.71
C LEU A 167 -3.72 20.55 -6.46
N PRO A 168 -4.53 20.41 -7.54
CA PRO A 168 -5.99 20.44 -7.41
C PRO A 168 -6.51 19.40 -6.41
N GLY A 169 -7.25 19.85 -5.42
CA GLY A 169 -7.83 18.96 -4.43
C GLY A 169 -6.89 18.55 -3.31
N LEU A 170 -5.62 18.90 -3.44
CA LEU A 170 -4.61 18.53 -2.45
C LEU A 170 -3.85 19.75 -1.91
N SER A 171 -4.59 20.81 -1.60
CA SER A 171 -4.00 22.03 -1.09
C SER A 171 -3.60 21.91 0.38
N LYS A 172 -3.96 20.80 1.00
CA LYS A 172 -3.60 20.56 2.41
C LYS A 172 -2.21 19.94 2.52
N LEU A 173 -1.77 19.28 1.46
CA LEU A 173 -0.43 18.70 1.42
C LEU A 173 0.63 19.79 1.62
N ARG A 174 1.68 19.46 2.35
CA ARG A 174 2.72 20.43 2.64
C ARG A 174 4.08 19.97 2.11
N VAL A 175 5.04 20.90 2.11
CA VAL A 175 6.41 20.62 1.71
C VAL A 175 7.00 19.47 2.53
N GLU A 176 6.74 19.47 3.83
CA GLU A 176 7.26 18.43 4.73
C GLU A 176 6.61 17.06 4.53
N ASP A 177 5.58 17.00 3.68
CA ASP A 177 4.89 15.74 3.41
C ASP A 177 5.45 15.06 2.16
N VAL A 178 6.21 15.81 1.37
CA VAL A 178 6.74 15.33 0.09
C VAL A 178 7.77 14.22 0.30
N PRO A 179 7.64 13.11 -0.45
CA PRO A 179 8.61 12.01 -0.39
C PRO A 179 10.04 12.48 -0.67
N GLN A 180 10.98 12.09 0.18
CA GLN A 180 12.36 12.59 0.11
C GLN A 180 13.08 12.20 -1.19
N ASP A 181 12.90 10.97 -1.64
CA ASP A 181 13.59 10.52 -2.86
C ASP A 181 13.12 11.25 -4.11
N MET A 182 12.02 11.98 -3.99
CA MET A 182 11.52 12.83 -5.08
C MET A 182 12.33 14.13 -5.15
N LEU A 183 12.91 14.51 -4.01
CA LEU A 183 13.69 15.73 -3.90
C LEU A 183 15.18 15.46 -4.10
N ASP A 184 15.60 14.24 -3.80
CA ASP A 184 17.03 13.86 -3.90
C ASP A 184 17.57 14.00 -5.33
N VAL A 185 18.69 14.71 -5.45
CA VAL A 185 19.30 14.99 -6.74
C VAL A 185 20.79 14.65 -6.73
N GLY A 186 21.24 13.89 -7.72
CA GLY A 186 22.64 13.56 -7.85
C GLY A 186 23.06 12.25 -7.18
N GLU A 187 24.03 12.35 -6.28
CA GLU A 187 24.58 11.17 -5.61
C GLU A 187 23.54 10.39 -4.81
N LYS A 188 22.56 11.10 -4.26
CA LYS A 188 21.51 10.45 -3.47
C LYS A 188 20.46 9.76 -4.34
N GLU A 189 20.46 10.05 -5.64
CA GLU A 189 19.51 9.45 -6.56
C GLU A 189 19.76 7.96 -6.75
N THR A 190 18.72 7.16 -6.54
CA THR A 190 18.79 5.72 -6.78
C THR A 190 18.08 5.39 -8.08
N LEU A 191 18.31 4.18 -8.58
CA LEU A 191 17.59 3.69 -9.75
C LEU A 191 16.10 3.62 -9.44
N PHE A 192 15.78 3.38 -8.16
CA PHE A 192 14.41 3.33 -7.70
C PHE A 192 13.75 4.72 -7.76
N SER A 193 14.47 5.73 -7.27
CA SER A 193 13.94 7.08 -7.24
C SER A 193 13.84 7.68 -8.64
N ARG A 194 14.78 7.33 -9.51
CA ARG A 194 14.75 7.77 -10.89
C ARG A 194 13.57 7.16 -11.64
N THR A 195 13.21 5.94 -11.24
CA THR A 195 12.08 5.24 -11.82
C THR A 195 10.76 5.90 -11.39
N LEU A 196 10.67 6.22 -10.11
CA LEU A 196 9.48 6.87 -9.57
C LEU A 196 9.31 8.28 -10.15
N ASN A 197 10.42 8.96 -10.38
CA ASN A 197 10.39 10.30 -10.95
C ASN A 197 10.14 10.29 -12.46
N SER A 198 9.93 9.09 -13.03
CA SER A 198 9.62 8.96 -14.45
C SER A 198 8.12 8.71 -14.65
N LEU A 199 7.40 8.56 -13.54
CA LEU A 199 5.98 8.23 -13.57
C LEU A 199 5.12 9.24 -14.33
N GLY A 200 5.45 10.52 -14.22
CA GLY A 200 4.68 11.58 -14.86
C GLY A 200 4.69 11.51 -16.38
N VAL A 201 5.73 10.89 -16.92
CA VAL A 201 5.86 10.68 -18.36
C VAL A 201 5.43 9.26 -18.73
N VAL A 202 5.70 8.32 -17.83
CA VAL A 202 5.36 6.92 -18.05
C VAL A 202 3.86 6.65 -18.02
N LEU A 203 3.20 7.09 -16.95
CA LEU A 203 1.78 6.83 -16.73
C LEU A 203 0.79 7.28 -17.83
N PRO A 204 1.02 8.46 -18.45
CA PRO A 204 0.10 8.85 -19.55
C PRO A 204 0.15 7.93 -20.77
N GLN A 205 1.15 7.06 -20.83
CA GLN A 205 1.26 6.12 -21.95
C GLN A 205 0.53 4.81 -21.67
N ALA A 206 0.05 4.67 -20.44
CA ALA A 206 -0.73 3.50 -20.05
C ALA A 206 -2.15 3.58 -20.60
N LYS A 207 -2.65 2.45 -21.11
CA LYS A 207 -4.01 2.36 -21.60
C LYS A 207 -4.98 2.67 -20.47
N ALA A 208 -4.65 2.20 -19.28
CA ALA A 208 -5.45 2.46 -18.09
C ALA A 208 -4.55 2.45 -16.86
N VAL A 209 -4.94 3.22 -15.84
CA VAL A 209 -4.26 3.18 -14.56
C VAL A 209 -5.26 2.67 -13.51
N VAL A 210 -5.02 1.49 -12.97
CA VAL A 210 -5.94 0.88 -12.01
C VAL A 210 -5.51 1.19 -10.59
N VAL A 211 -6.31 1.97 -9.87
CA VAL A 211 -5.98 2.38 -8.51
C VAL A 211 -6.61 1.45 -7.47
N ASN A 212 -5.78 0.92 -6.58
CA ASN A 212 -6.25 0.02 -5.54
C ASN A 212 -6.84 0.78 -4.35
N PHE A 213 -7.92 1.51 -4.59
CA PHE A 213 -8.56 2.32 -3.54
C PHE A 213 -10.04 2.56 -3.84
N PHE A 214 -10.70 3.33 -2.98
CA PHE A 214 -12.08 3.71 -3.22
C PHE A 214 -12.12 5.13 -3.78
N ALA A 215 -12.64 5.27 -5.00
CA ALA A 215 -12.70 6.57 -5.66
C ALA A 215 -13.46 7.61 -4.84
N GLU A 216 -14.42 7.13 -4.05
CA GLU A 216 -15.28 8.00 -3.26
C GLU A 216 -14.57 8.62 -2.06
N LEU A 217 -13.38 8.14 -1.73
CA LEU A 217 -12.62 8.69 -0.60
C LEU A 217 -11.62 9.75 -1.03
N ASP A 218 -11.20 9.69 -2.30
CA ASP A 218 -10.27 10.67 -2.83
C ASP A 218 -10.96 12.00 -3.09
N PRO A 219 -10.22 13.11 -2.94
CA PRO A 219 -10.76 14.43 -3.28
C PRO A 219 -11.16 14.47 -4.76
N PRO A 220 -12.42 14.79 -5.03
CA PRO A 220 -13.00 14.79 -6.39
C PRO A 220 -12.21 15.64 -7.37
N LEU A 221 -11.63 16.74 -6.89
CA LEU A 221 -10.83 17.62 -7.72
C LEU A 221 -9.50 16.98 -8.10
N PHE A 222 -8.94 16.19 -7.20
CA PHE A 222 -7.74 15.41 -7.49
C PHE A 222 -8.05 14.34 -8.53
N VAL A 223 -9.20 13.71 -8.37
CA VAL A 223 -9.64 12.67 -9.30
C VAL A 223 -9.76 13.25 -10.71
N LYS A 224 -10.44 14.38 -10.84
CA LYS A 224 -10.57 15.05 -12.12
C LYS A 224 -9.23 15.51 -12.69
N TYR A 225 -8.29 15.82 -11.81
CA TYR A 225 -6.95 16.20 -12.24
C TYR A 225 -6.22 15.01 -12.87
N MET A 226 -6.39 13.83 -12.27
CA MET A 226 -5.75 12.64 -12.79
C MET A 226 -6.43 12.14 -14.06
N ARG A 227 -7.75 12.29 -14.13
CA ARG A 227 -8.46 11.90 -15.34
CA ARG A 227 -8.51 11.94 -15.33
C ARG A 227 -8.03 12.78 -16.50
N SER A 228 -7.50 13.96 -16.20
CA SER A 228 -7.02 14.89 -17.23
C SER A 228 -5.59 14.59 -17.67
N LYS A 229 -4.89 13.75 -16.90
CA LYS A 229 -3.51 13.40 -17.21
C LYS A 229 -3.41 12.03 -17.86
N LEU A 230 -4.43 11.21 -17.67
CA LEU A 230 -4.38 9.82 -18.08
C LEU A 230 -5.37 9.48 -19.18
N GLN A 231 -5.13 8.37 -19.88
CA GLN A 231 -6.04 7.89 -20.92
C GLN A 231 -7.30 7.34 -20.26
N SER A 232 -7.13 6.75 -19.10
CA SER A 232 -8.24 6.18 -18.34
C SER A 232 -7.82 5.98 -16.88
N LEU A 233 -8.66 6.43 -15.96
CA LEU A 233 -8.41 6.20 -14.54
C LEU A 233 -9.49 5.28 -13.98
N LEU A 234 -9.07 4.10 -13.54
CA LEU A 234 -10.00 3.10 -13.03
C LEU A 234 -9.72 2.75 -11.57
N TYR A 235 -10.77 2.75 -10.76
CA TYR A 235 -10.66 2.33 -9.37
C TYR A 235 -11.26 0.94 -9.21
N VAL A 236 -10.45 -0.01 -8.73
CA VAL A 236 -10.94 -1.34 -8.41
C VAL A 236 -10.84 -1.54 -6.90
N VAL A 237 -11.93 -2.03 -6.30
CA VAL A 237 -12.01 -2.22 -4.85
C VAL A 237 -10.85 -3.06 -4.32
N PRO A 238 -10.08 -2.49 -3.38
CA PRO A 238 -8.88 -3.09 -2.81
C PRO A 238 -9.17 -4.26 -1.87
N LEU A 239 -10.43 -4.41 -1.45
CA LEU A 239 -10.82 -5.49 -0.56
C LEU A 239 -10.50 -6.87 -1.15
N PRO A 240 -10.06 -7.80 -0.29
CA PRO A 240 -9.57 -9.11 -0.73
C PRO A 240 -10.62 -10.02 -1.36
N CYS A 241 -10.23 -10.70 -2.43
CA CYS A 241 -11.00 -11.80 -2.97
C CYS A 241 -10.91 -12.92 -1.94
N PRO A 242 -11.99 -13.68 -1.75
CA PRO A 242 -11.94 -14.83 -0.84
C PRO A 242 -10.94 -15.89 -1.32
N GLN A 243 -10.52 -15.76 -2.57
CA GLN A 243 -9.50 -16.61 -3.15
C GLN A 243 -8.11 -16.21 -2.65
N LEU A 244 -8.01 -14.98 -2.15
CA LEU A 244 -6.74 -14.45 -1.67
C LEU A 244 -6.48 -14.83 -0.22
N LEU A 245 -7.56 -14.92 0.57
CA LEU A 245 -7.43 -15.18 1.99
C LEU A 245 -6.96 -16.59 2.32
N LEU A 246 -5.85 -16.69 3.05
CA LEU A 246 -5.37 -17.95 3.57
C LEU A 246 -5.62 -18.01 5.08
N PRO A 247 -6.76 -18.60 5.47
CA PRO A 247 -7.13 -18.68 6.89
C PRO A 247 -6.09 -19.47 7.68
N GLU A 248 -5.62 -18.89 8.77
CA GLU A 248 -4.66 -19.57 9.63
C GLU A 248 -4.95 -19.38 11.11
N ILE A 249 -4.39 -20.26 11.92
CA ILE A 249 -4.55 -20.24 13.37
C ILE A 249 -4.08 -18.92 13.99
N ASP A 250 -4.93 -18.31 14.81
CA ASP A 250 -4.52 -17.16 15.60
C ASP A 250 -3.65 -17.67 16.75
N SER A 251 -2.38 -17.89 16.44
CA SER A 251 -1.42 -18.47 17.38
C SER A 251 -1.25 -17.63 18.64
N ASN A 252 -1.36 -16.32 18.49
CA ASN A 252 -1.15 -15.41 19.62
C ASN A 252 -2.40 -15.22 20.47
N GLY A 253 -3.57 -15.46 19.87
CA GLY A 253 -4.82 -15.32 20.58
C GLY A 253 -5.31 -13.89 20.68
N CYS A 254 -5.02 -13.10 19.66
CA CYS A 254 -5.37 -11.68 19.65
C CYS A 254 -6.88 -11.45 19.68
N LEU A 255 -7.61 -12.17 18.83
CA LEU A 255 -9.06 -12.03 18.75
C LEU A 255 -9.76 -12.45 20.04
N SER A 256 -9.37 -13.60 20.56
CA SER A 256 -9.94 -14.09 21.82
C SER A 256 -9.68 -13.09 22.94
N TRP A 257 -8.52 -12.47 22.90
CA TRP A 257 -8.13 -11.45 23.87
C TRP A 257 -8.98 -10.20 23.68
N LEU A 258 -9.17 -9.80 22.42
CA LEU A 258 -9.93 -8.59 22.09
C LEU A 258 -11.40 -8.71 22.48
N ASP A 259 -11.93 -9.93 22.49
CA ASP A 259 -13.32 -10.18 22.85
C ASP A 259 -13.60 -9.84 24.31
N SER A 260 -12.55 -9.87 25.14
CA SER A 260 -12.67 -9.58 26.57
C SER A 260 -12.48 -8.10 26.87
N LYS A 261 -12.29 -7.31 25.81
CA LYS A 261 -12.15 -5.87 25.95
C LYS A 261 -13.43 -5.17 25.51
N SER A 262 -13.65 -3.95 25.98
CA SER A 262 -14.85 -3.19 25.62
C SER A 262 -14.67 -2.47 24.30
N SER A 263 -15.79 -2.02 23.72
CA SER A 263 -15.82 -1.38 22.41
C SER A 263 -14.93 -0.15 22.31
N ARG A 264 -14.12 -0.09 21.24
CA ARG A 264 -13.27 1.06 20.95
C ARG A 264 -12.36 1.47 22.09
N SER A 265 -11.79 0.49 22.79
CA SER A 265 -10.96 0.76 23.96
C SER A 265 -9.49 0.37 23.75
N VAL A 266 -9.23 -0.44 22.73
CA VAL A 266 -7.90 -1.00 22.52
C VAL A 266 -7.06 -0.20 21.51
N ALA A 267 -5.78 -0.04 21.82
CA ALA A 267 -4.84 0.59 20.89
C ALA A 267 -4.05 -0.49 20.14
N TYR A 268 -4.15 -0.49 18.81
CA TYR A 268 -3.37 -1.44 18.02
C TYR A 268 -2.16 -0.74 17.38
N VAL A 269 -0.97 -1.21 17.73
CA VAL A 269 0.27 -0.59 17.26
C VAL A 269 1.04 -1.50 16.32
N CYS A 270 1.47 -0.94 15.18
CA CYS A 270 2.29 -1.67 14.21
C CYS A 270 2.98 -0.70 13.25
N PHE A 271 4.26 -0.92 13.00
CA PHE A 271 5.04 -0.02 12.16
C PHE A 271 5.34 -0.60 10.79
N GLY A 272 4.78 -1.77 10.50
CA GLY A 272 5.06 -2.42 9.23
C GLY A 272 6.27 -3.34 9.30
N THR A 273 6.70 -3.83 8.15
CA THR A 273 7.78 -4.82 8.08
C THR A 273 9.04 -4.29 7.37
N VAL A 274 8.87 -3.21 6.62
CA VAL A 274 9.99 -2.57 5.92
C VAL A 274 10.65 -1.55 6.86
N VAL A 275 9.82 -0.97 7.72
CA VAL A 275 10.25 0.13 8.58
C VAL A 275 11.16 -0.29 9.72
N SER A 276 12.34 0.33 9.79
CA SER A 276 13.26 0.16 10.92
C SER A 276 13.27 1.43 11.77
N PRO A 277 12.41 1.47 12.81
CA PRO A 277 12.30 2.67 13.65
C PRO A 277 13.47 2.80 14.62
N PRO A 278 13.88 4.04 14.93
CA PRO A 278 14.95 4.24 15.90
C PRO A 278 14.58 3.66 17.25
N PRO A 279 15.54 2.98 17.91
CA PRO A 279 15.34 2.35 19.22
C PRO A 279 14.73 3.28 20.27
N GLN A 280 15.05 4.58 20.22
CA GLN A 280 14.52 5.52 21.19
C GLN A 280 13.01 5.76 21.01
N GLU A 281 12.53 5.71 19.77
CA GLU A 281 11.10 5.80 19.50
C GLU A 281 10.41 4.53 19.98
N VAL A 282 11.08 3.39 19.78
CA VAL A 282 10.59 2.10 20.26
C VAL A 282 10.46 2.12 21.77
N VAL A 283 11.48 2.65 22.44
CA VAL A 283 11.43 2.85 23.90
C VAL A 283 10.28 3.78 24.26
N ALA A 284 10.09 4.82 23.45
CA ALA A 284 9.05 5.82 23.72
C ALA A 284 7.63 5.25 23.56
N VAL A 285 7.45 4.36 22.59
CA VAL A 285 6.14 3.74 22.38
C VAL A 285 5.77 2.84 23.55
N ALA A 286 6.72 2.03 24.02
CA ALA A 286 6.50 1.18 25.18
C ALA A 286 6.19 2.03 26.41
N GLU A 287 6.99 3.07 26.62
CA GLU A 287 6.81 3.98 27.75
C GLU A 287 5.44 4.65 27.73
N ALA A 288 4.99 5.06 26.55
CA ALA A 288 3.70 5.73 26.40
C ALA A 288 2.53 4.77 26.64
N LEU A 289 2.63 3.58 26.07
CA LEU A 289 1.59 2.56 26.23
C LEU A 289 1.43 2.18 27.71
N GLU A 290 2.56 2.01 28.40
CA GLU A 290 2.53 1.64 29.80
C GLU A 290 1.94 2.74 30.68
N GLU A 291 2.36 3.98 30.45
CA GLU A 291 1.90 5.11 31.24
C GLU A 291 0.41 5.39 31.01
N SER A 292 -0.03 5.22 29.77
CA SER A 292 -1.40 5.56 29.39
C SER A 292 -2.42 4.69 30.10
N GLY A 293 -2.07 3.44 30.37
CA GLY A 293 -2.96 2.52 31.05
C GLY A 293 -4.02 1.91 30.16
N PHE A 294 -4.00 2.25 28.87
CA PHE A 294 -4.95 1.69 27.93
C PHE A 294 -4.57 0.26 27.55
N PRO A 295 -5.57 -0.57 27.22
CA PRO A 295 -5.27 -1.89 26.67
C PRO A 295 -4.69 -1.74 25.27
N PHE A 296 -3.72 -2.59 24.91
CA PHE A 296 -3.07 -2.46 23.62
C PHE A 296 -2.61 -3.78 23.01
N VAL A 297 -2.60 -3.83 21.68
CA VAL A 297 -1.95 -4.92 20.95
C VAL A 297 -0.83 -4.33 20.12
N TRP A 298 0.40 -4.75 20.38
CA TRP A 298 1.55 -4.23 19.65
C TRP A 298 2.22 -5.34 18.86
N ALA A 299 2.04 -5.32 17.54
CA ALA A 299 2.75 -6.23 16.66
C ALA A 299 4.17 -5.71 16.47
N LEU A 300 5.13 -6.41 17.08
CA LEU A 300 6.51 -5.96 17.08
C LEU A 300 7.46 -7.10 16.71
N LYS A 301 8.44 -6.80 15.87
CA LYS A 301 9.45 -7.79 15.49
C LYS A 301 10.23 -8.23 16.73
N GLU A 302 10.42 -9.55 16.86
CA GLU A 302 11.10 -10.11 18.03
C GLU A 302 12.54 -9.64 18.16
N SER A 303 13.10 -9.15 17.07
CA SER A 303 14.46 -8.61 17.09
C SER A 303 14.51 -7.30 17.88
N LEU A 304 13.34 -6.77 18.20
CA LEU A 304 13.23 -5.50 18.91
C LEU A 304 12.82 -5.67 20.37
N LEU A 305 12.61 -6.92 20.78
CA LEU A 305 12.20 -7.23 22.15
C LEU A 305 13.30 -6.90 23.16
N SER A 306 14.56 -6.98 22.72
CA SER A 306 15.70 -6.65 23.57
C SER A 306 15.84 -5.15 23.76
N ILE A 307 15.23 -4.39 22.84
CA ILE A 307 15.25 -2.94 22.89
C ILE A 307 14.22 -2.42 23.88
N LEU A 308 13.10 -3.14 24.01
CA LEU A 308 12.06 -2.81 24.97
C LEU A 308 12.60 -2.61 26.38
N PRO A 309 12.04 -1.65 27.12
CA PRO A 309 12.45 -1.36 28.50
C PRO A 309 12.37 -2.60 29.38
N LYS A 310 13.19 -2.65 30.43
CA LYS A 310 13.23 -3.79 31.33
C LYS A 310 11.91 -3.94 32.08
N GLY A 311 11.30 -5.12 31.98
CA GLY A 311 10.08 -5.42 32.70
C GLY A 311 8.80 -4.87 32.09
N PHE A 312 8.91 -4.17 30.98
CA PHE A 312 7.75 -3.54 30.34
C PHE A 312 6.64 -4.53 29.95
N VAL A 313 7.02 -5.57 29.20
CA VAL A 313 6.06 -6.57 28.75
C VAL A 313 5.44 -7.31 29.93
N GLU A 314 6.25 -7.55 30.96
CA GLU A 314 5.82 -8.27 32.15
C GLU A 314 4.87 -7.44 33.01
N ARG A 315 5.11 -6.13 33.10
CA ARG A 315 4.28 -5.23 33.88
C ARG A 315 2.97 -4.90 33.18
N THR A 316 2.97 -4.99 31.85
CA THR A 316 1.79 -4.66 31.05
C THR A 316 1.06 -5.90 30.58
N SER A 317 1.50 -7.07 31.04
CA SER A 317 0.96 -8.34 30.58
C SER A 317 -0.54 -8.51 30.86
N THR A 318 -1.04 -7.87 31.91
CA THR A 318 -2.44 -8.01 32.30
C THR A 318 -3.37 -7.15 31.45
N ARG A 319 -2.82 -6.20 30.72
CA ARG A 319 -3.63 -5.28 29.94
C ARG A 319 -3.08 -5.04 28.53
N GLY A 320 -1.95 -5.65 28.23
CA GLY A 320 -1.33 -5.44 26.93
C GLY A 320 -0.85 -6.73 26.28
N LYS A 321 -0.74 -6.70 24.95
CA LYS A 321 -0.25 -7.85 24.22
C LYS A 321 0.85 -7.46 23.24
N VAL A 322 2.05 -8.00 23.45
CA VAL A 322 3.19 -7.73 22.58
C VAL A 322 3.56 -9.00 21.82
N VAL A 323 3.31 -9.01 20.51
CA VAL A 323 3.48 -10.22 19.71
C VAL A 323 4.29 -9.95 18.43
N SER A 324 4.80 -11.02 17.84
CA SER A 324 5.61 -10.91 16.63
C SER A 324 4.74 -10.76 15.39
N TRP A 325 3.49 -11.18 15.49
CA TRP A 325 2.60 -11.19 14.34
C TRP A 325 1.12 -11.15 14.75
N VAL A 326 0.32 -10.40 14.01
CA VAL A 326 -1.12 -10.39 14.19
C VAL A 326 -1.84 -10.55 12.86
N PRO A 327 -3.00 -11.22 12.88
CA PRO A 327 -3.86 -11.16 11.69
C PRO A 327 -4.49 -9.76 11.62
N GLN A 328 -3.71 -8.81 11.12
CA GLN A 328 -4.04 -7.38 11.21
C GLN A 328 -5.43 -7.03 10.70
N SER A 329 -5.81 -7.61 9.55
CA SER A 329 -7.12 -7.34 8.96
C SER A 329 -8.26 -7.76 9.88
N HIS A 330 -8.08 -8.87 10.59
CA HIS A 330 -9.07 -9.34 11.55
C HIS A 330 -9.05 -8.49 12.83
N VAL A 331 -7.86 -8.02 13.19
CA VAL A 331 -7.70 -7.15 14.35
C VAL A 331 -8.34 -5.79 14.12
N LEU A 332 -8.11 -5.23 12.94
CA LEU A 332 -8.68 -3.92 12.60
C LEU A 332 -10.20 -3.99 12.40
N SER A 333 -10.71 -5.17 12.09
CA SER A 333 -12.15 -5.37 11.96
C SER A 333 -12.80 -5.75 13.29
N HIS A 334 -12.02 -5.73 14.37
CA HIS A 334 -12.55 -6.02 15.69
C HIS A 334 -13.04 -4.74 16.38
N GLY A 335 -14.21 -4.84 17.03
CA GLY A 335 -14.85 -3.67 17.62
C GLY A 335 -14.15 -3.11 18.84
N SER A 336 -13.31 -3.91 19.47
CA SER A 336 -12.60 -3.47 20.68
C SER A 336 -11.50 -2.44 20.35
N VAL A 337 -10.99 -2.51 19.13
CA VAL A 337 -9.91 -1.62 18.70
C VAL A 337 -10.41 -0.20 18.46
N GLY A 338 -9.85 0.75 19.22
CA GLY A 338 -10.30 2.13 19.16
C GLY A 338 -9.36 3.05 18.40
N VAL A 339 -8.11 2.64 18.23
CA VAL A 339 -7.13 3.45 17.49
C VAL A 339 -6.05 2.59 16.84
N PHE A 340 -5.74 2.91 15.58
CA PHE A 340 -4.64 2.26 14.87
C PHE A 340 -3.43 3.20 14.88
N VAL A 341 -2.39 2.82 15.62
CA VAL A 341 -1.13 3.55 15.60
C VAL A 341 -0.27 3.02 14.47
N THR A 342 -0.10 3.81 13.41
CA THR A 342 0.46 3.29 12.17
C THR A 342 1.54 4.15 11.52
N HIS A 343 2.31 3.52 10.64
CA HIS A 343 3.33 4.19 9.85
C HIS A 343 2.73 4.75 8.57
N CYS A 344 1.46 4.41 8.34
CA CYS A 344 0.66 4.87 7.19
C CYS A 344 1.02 4.21 5.86
N GLY A 345 1.19 2.89 5.87
CA GLY A 345 1.30 2.13 4.64
C GLY A 345 -0.05 2.09 3.96
N ALA A 346 -0.06 2.11 2.64
CA ALA A 346 -1.29 2.18 1.87
C ALA A 346 -2.30 1.09 2.23
N ASN A 347 -1.83 -0.12 2.43
CA ASN A 347 -2.70 -1.24 2.78
C ASN A 347 -3.26 -1.12 4.20
N SER A 348 -2.43 -0.64 5.13
CA SER A 348 -2.84 -0.48 6.52
C SER A 348 -3.87 0.64 6.68
N VAL A 349 -3.67 1.73 5.94
CA VAL A 349 -4.63 2.83 5.94
C VAL A 349 -5.94 2.37 5.33
N MET A 350 -5.85 1.56 4.27
CA MET A 350 -7.02 1.01 3.62
C MET A 350 -7.84 0.16 4.59
N GLU A 351 -7.15 -0.72 5.31
CA GLU A 351 -7.81 -1.61 6.26
C GLU A 351 -8.38 -0.85 7.45
N SER A 352 -7.78 0.27 7.80
CA SER A 352 -8.21 1.04 8.96
C SER A 352 -9.45 1.89 8.66
N VAL A 353 -9.50 2.47 7.47
CA VAL A 353 -10.63 3.33 7.08
C VAL A 353 -11.87 2.51 6.73
N SER A 354 -11.67 1.32 6.18
CA SER A 354 -12.79 0.46 5.82
C SER A 354 -13.40 -0.20 7.05
N ASN A 355 -12.71 -0.08 8.18
CA ASN A 355 -13.20 -0.64 9.43
C ASN A 355 -13.57 0.43 10.45
N GLY A 356 -13.49 1.69 10.04
CA GLY A 356 -13.85 2.80 10.91
C GLY A 356 -12.95 2.96 12.12
N VAL A 357 -11.66 2.76 11.93
CA VAL A 357 -10.70 2.87 13.02
C VAL A 357 -9.83 4.12 12.84
N PRO A 358 -9.88 5.05 13.81
CA PRO A 358 -9.09 6.28 13.75
C PRO A 358 -7.61 5.98 13.88
N MET A 359 -6.76 6.88 13.41
CA MET A 359 -5.32 6.59 13.36
C MET A 359 -4.42 7.62 14.02
N ILE A 360 -3.43 7.13 14.75
CA ILE A 360 -2.30 7.96 15.17
C ILE A 360 -1.17 7.68 14.18
N CYS A 361 -0.68 8.74 13.55
CA CYS A 361 0.18 8.58 12.40
C CYS A 361 1.63 8.98 12.63
N ARG A 362 2.55 8.08 12.32
CA ARG A 362 3.97 8.36 12.34
C ARG A 362 4.59 7.81 11.04
N PRO A 363 4.55 8.61 9.97
CA PRO A 363 5.09 8.21 8.67
C PRO A 363 6.63 8.21 8.70
N PHE A 364 7.24 7.24 8.01
CA PHE A 364 8.69 7.15 8.00
C PHE A 364 9.32 7.55 6.67
N PHE A 365 8.74 7.07 5.57
CA PHE A 365 9.31 7.34 4.25
C PHE A 365 8.26 7.26 3.15
N GLY A 366 8.71 7.45 1.91
CA GLY A 366 7.86 7.33 0.75
C GLY A 366 6.64 8.22 0.75
N ASP A 367 5.48 7.62 0.52
CA ASP A 367 4.22 8.36 0.45
C ASP A 367 3.41 8.21 1.74
N GLN A 368 4.08 7.85 2.82
CA GLN A 368 3.42 7.71 4.12
C GLN A 368 3.10 9.09 4.69
N GLY A 369 3.89 10.09 4.30
CA GLY A 369 3.63 11.46 4.70
C GLY A 369 2.39 12.00 4.02
N ILE A 370 2.17 11.57 2.78
CA ILE A 370 0.98 11.97 2.04
C ILE A 370 -0.26 11.33 2.67
N ALA A 371 -0.14 10.05 3.01
CA ALA A 371 -1.23 9.34 3.68
C ALA A 371 -1.58 10.01 5.02
N ALA A 372 -0.57 10.26 5.83
CA ALA A 372 -0.76 10.89 7.14
C ALA A 372 -1.42 12.26 7.04
N ARG A 373 -1.03 13.04 6.04
CA ARG A 373 -1.59 14.37 5.84
C ARG A 373 -3.07 14.28 5.45
N VAL A 374 -3.40 13.31 4.60
CA VAL A 374 -4.78 13.09 4.18
C VAL A 374 -5.63 12.62 5.35
N ILE A 375 -5.07 11.72 6.15
CA ILE A 375 -5.75 11.19 7.33
C ILE A 375 -6.12 12.29 8.32
N GLN A 376 -5.20 13.23 8.55
CA GLN A 376 -5.42 14.28 9.55
C GLN A 376 -6.18 15.50 9.03
N ASP A 377 -5.77 16.02 7.87
CA ASP A 377 -6.28 17.32 7.40
C ASP A 377 -7.43 17.26 6.38
N ILE A 378 -7.63 16.10 5.77
CA ILE A 378 -8.66 15.96 4.74
C ILE A 378 -9.83 15.08 5.20
N TRP A 379 -9.58 13.78 5.32
CA TRP A 379 -10.57 12.87 5.88
C TRP A 379 -10.84 13.23 7.34
N GLU A 380 -9.79 13.71 8.01
CA GLU A 380 -9.83 14.05 9.43
C GLU A 380 -10.19 12.85 10.29
N VAL A 381 -9.67 11.68 9.92
CA VAL A 381 -9.94 10.44 10.64
C VAL A 381 -8.78 10.05 11.55
N GLY A 382 -7.96 11.03 11.92
CA GLY A 382 -6.84 10.77 12.81
C GLY A 382 -5.92 11.96 13.00
N VAL A 383 -4.80 11.72 13.67
CA VAL A 383 -3.79 12.76 13.89
C VAL A 383 -2.39 12.25 13.60
N ILE A 384 -1.51 13.14 13.14
CA ILE A 384 -0.09 12.84 13.08
C ILE A 384 0.43 13.02 14.49
N VAL A 385 1.26 12.08 14.94
CA VAL A 385 1.72 12.09 16.34
C VAL A 385 2.44 13.39 16.66
N GLU A 386 2.30 13.85 17.90
CA GLU A 386 2.81 15.16 18.31
C GLU A 386 4.33 15.23 18.22
N GLY A 387 4.84 16.07 17.31
CA GLY A 387 6.27 16.23 17.13
C GLY A 387 6.83 15.47 15.94
N LYS A 388 5.94 14.85 15.16
CA LYS A 388 6.30 14.03 14.00
C LYS A 388 7.03 12.72 14.34
N VAL A 389 7.55 12.61 15.55
CA VAL A 389 8.19 11.38 16.01
C VAL A 389 7.53 10.89 17.29
N PHE A 390 7.83 9.65 17.67
CA PHE A 390 7.27 9.10 18.91
C PHE A 390 8.04 9.58 20.14
N THR A 391 7.29 10.18 21.08
CA THR A 391 7.81 10.51 22.39
C THR A 391 6.82 9.98 23.41
N LYS A 392 7.21 9.89 24.68
CA LYS A 392 6.30 9.39 25.70
C LYS A 392 5.14 10.34 25.93
N ASN A 393 5.44 11.62 26.12
CA ASN A 393 4.42 12.61 26.42
C ASN A 393 3.50 12.95 25.24
N GLY A 394 4.06 12.97 24.04
CA GLY A 394 3.28 13.27 22.85
C GLY A 394 2.33 12.16 22.44
N PHE A 395 2.81 10.92 22.51
CA PHE A 395 2.03 9.75 22.12
C PHE A 395 0.87 9.49 23.09
N VAL A 396 1.15 9.60 24.39
CA VAL A 396 0.12 9.46 25.42
C VAL A 396 -1.03 10.43 25.16
N LYS A 397 -0.66 11.65 24.78
CA LYS A 397 -1.64 12.69 24.46
C LYS A 397 -2.50 12.30 23.25
N SER A 398 -1.85 11.79 22.21
CA SER A 398 -2.57 11.33 21.02
C SER A 398 -3.51 10.17 21.37
N LEU A 399 -3.01 9.25 22.19
CA LEU A 399 -3.79 8.11 22.64
C LEU A 399 -5.00 8.56 23.45
N ASN A 400 -4.81 9.54 24.32
CA ASN A 400 -5.91 10.08 25.12
C ASN A 400 -6.90 10.87 24.27
N LEU A 401 -6.39 11.56 23.26
CA LEU A 401 -7.23 12.37 22.38
C LEU A 401 -8.23 11.50 21.61
N ILE A 402 -7.72 10.47 20.95
CA ILE A 402 -8.53 9.60 20.11
C ILE A 402 -9.44 8.68 20.92
N LEU A 403 -8.90 8.09 21.98
CA LEU A 403 -9.59 7.02 22.71
C LEU A 403 -10.68 7.47 23.68
N VAL A 404 -10.42 8.54 24.43
CA VAL A 404 -11.33 8.91 25.53
C VAL A 404 -11.88 10.34 25.50
N GLN A 405 -11.06 11.30 25.07
CA GLN A 405 -11.43 12.71 25.20
C GLN A 405 -12.53 13.16 24.25
N GLU A 406 -13.33 14.12 24.70
CA GLU A 406 -14.41 14.70 23.91
C GLU A 406 -13.85 15.50 22.74
N ASP A 407 -12.61 15.97 22.89
CA ASP A 407 -11.92 16.69 21.82
C ASP A 407 -11.61 15.79 20.61
N GLY A 408 -11.77 14.48 20.79
CA GLY A 408 -11.52 13.54 19.72
C GLY A 408 -12.80 12.92 19.16
N LYS A 409 -13.95 13.48 19.55
CA LYS A 409 -15.23 12.96 19.08
C LYS A 409 -15.46 13.21 17.60
N LYS A 410 -14.98 14.35 17.11
CA LYS A 410 -15.12 14.70 15.70
C LYS A 410 -14.37 13.70 14.82
N ILE A 411 -13.22 13.23 15.32
CA ILE A 411 -12.40 12.26 14.61
C ILE A 411 -13.01 10.85 14.63
N ARG A 412 -13.51 10.44 15.78
CA ARG A 412 -14.18 9.15 15.91
C ARG A 412 -15.45 9.12 15.06
N ASP A 413 -16.16 10.24 15.01
CA ASP A 413 -17.35 10.36 14.17
C ASP A 413 -17.00 10.29 12.68
N ASN A 414 -15.93 10.96 12.29
CA ASN A 414 -15.49 10.95 10.89
C ASN A 414 -15.03 9.57 10.44
N ALA A 415 -14.47 8.80 11.36
CA ALA A 415 -14.05 7.44 11.05
C ALA A 415 -15.24 6.54 10.73
N LEU A 416 -16.33 6.73 11.47
CA LEU A 416 -17.58 6.01 11.18
C LEU A 416 -18.17 6.46 9.85
N LYS A 417 -18.14 7.77 9.60
CA LYS A 417 -18.63 8.32 8.35
C LYS A 417 -17.88 7.74 7.14
N VAL A 418 -16.57 7.65 7.27
CA VAL A 418 -15.74 7.12 6.19
C VAL A 418 -16.01 5.63 5.95
N LYS A 419 -16.21 4.88 7.02
CA LYS A 419 -16.53 3.47 6.93
C LYS A 419 -17.81 3.25 6.12
N GLN A 420 -18.81 4.09 6.39
CA GLN A 420 -20.08 4.02 5.68
C GLN A 420 -19.90 4.38 4.20
N ILE A 421 -19.00 5.32 3.94
CA ILE A 421 -18.68 5.73 2.57
C ILE A 421 -18.04 4.56 1.81
N VAL A 422 -17.13 3.85 2.47
CA VAL A 422 -16.49 2.69 1.90
C VAL A 422 -17.50 1.57 1.62
N GLN A 423 -18.38 1.32 2.59
CA GLN A 423 -19.40 0.28 2.47
C GLN A 423 -20.33 0.51 1.29
N ASP A 424 -20.60 1.78 0.97
CA ASP A 424 -21.42 2.12 -0.18
C ASP A 424 -20.58 2.11 -1.46
N ALA A 425 -19.28 2.35 -1.30
CA ALA A 425 -18.36 2.36 -2.43
C ALA A 425 -18.14 0.96 -3.00
N VAL A 426 -18.14 -0.04 -2.12
CA VAL A 426 -17.93 -1.42 -2.52
C VAL A 426 -19.25 -2.09 -2.90
N GLY A 427 -20.32 -1.30 -2.97
CA GLY A 427 -21.64 -1.81 -3.28
C GLY A 427 -21.76 -2.37 -4.68
N PRO A 428 -22.90 -3.00 -4.98
CA PRO A 428 -23.16 -3.67 -6.26
C PRO A 428 -23.06 -2.72 -7.45
N HIS A 429 -23.27 -1.43 -7.19
CA HIS A 429 -23.08 -0.42 -8.22
C HIS A 429 -22.50 0.88 -7.71
N GLY A 430 -21.31 0.79 -7.12
CA GLY A 430 -20.50 1.96 -6.86
C GLY A 430 -19.66 2.22 -8.10
N GLN A 431 -18.71 3.14 -8.00
CA GLN A 431 -17.87 3.47 -9.15
C GLN A 431 -17.00 2.28 -9.56
N ALA A 432 -16.52 1.53 -8.57
CA ALA A 432 -15.58 0.45 -8.80
C ALA A 432 -16.18 -0.72 -9.57
N ALA A 433 -17.46 -0.98 -9.35
CA ALA A 433 -18.16 -2.05 -10.06
C ALA A 433 -18.20 -1.74 -11.56
N GLU A 434 -18.44 -0.46 -11.86
CA GLU A 434 -18.44 0.01 -13.25
C GLU A 434 -17.03 0.00 -13.82
N ASP A 435 -16.06 0.40 -13.00
CA ASP A 435 -14.67 0.45 -13.42
C ASP A 435 -14.06 -0.94 -13.58
N PHE A 436 -14.50 -1.89 -12.76
CA PHE A 436 -14.00 -3.26 -12.88
C PHE A 436 -14.37 -3.85 -14.23
N ASN A 437 -15.61 -3.61 -14.66
CA ASN A 437 -16.08 -4.10 -15.95
C ASN A 437 -15.39 -3.42 -17.13
N THR A 438 -15.06 -2.14 -16.97
CA THR A 438 -14.32 -1.42 -18.00
C THR A 438 -12.97 -2.08 -18.22
N LEU A 439 -12.29 -2.42 -17.12
CA LEU A 439 -11.01 -3.10 -17.17
C LEU A 439 -11.12 -4.47 -17.84
N VAL A 440 -12.17 -5.22 -17.49
CA VAL A 440 -12.44 -6.51 -18.09
C VAL A 440 -12.66 -6.38 -19.60
N GLU A 441 -13.32 -5.29 -19.99
CA GLU A 441 -13.57 -5.01 -21.40
CA GLU A 441 -13.58 -5.01 -21.39
C GLU A 441 -12.28 -4.67 -22.15
N VAL A 442 -11.39 -3.95 -21.48
CA VAL A 442 -10.08 -3.63 -22.05
C VAL A 442 -9.30 -4.91 -22.36
N ILE A 443 -9.38 -5.86 -21.44
CA ILE A 443 -8.69 -7.13 -21.56
C ILE A 443 -9.29 -8.02 -22.64
N SER A 444 -10.61 -8.03 -22.74
CA SER A 444 -11.30 -8.85 -23.75
C SER A 444 -11.31 -8.19 -25.13
N SER A 445 -11.05 -6.89 -25.19
CA SER A 445 -10.97 -6.18 -26.46
C SER A 445 -9.53 -6.12 -26.98
N SER A 446 -8.58 -6.52 -26.14
CA SER A 446 -7.17 -6.50 -26.53
C SER A 446 -6.82 -7.65 -27.47
#